data_1FMM
#
_entry.id   1FMM
#
_cell.length_a   ?
_cell.length_b   ?
_cell.length_c   ?
_cell.angle_alpha   ?
_cell.angle_beta   ?
_cell.angle_gamma   ?
#
_entity_poly.entity_id   1
_entity_poly.type   'polypeptide(L)'
_entity_poly.pdbx_seq_one_letter_code
;QKPKLLYCSNGGYFLRIFPDGKVDGTRDRSDPYIQLQFYAESVGEVYIKSLETGQYLAMDSDGQLYASQSPSEECLFLER
LEENNYNTYKSKVHADKDWFVGIKKNGKTKPGSRTHFGQKAILFLPLPVSSD
;
_entity_poly.pdbx_strand_id   S
#
# COMPACT_ATOMS: atom_id res chain seq x y z
N GLN A 1 -11.76 -11.66 6.75
CA GLN A 1 -11.51 -11.18 8.11
C GLN A 1 -10.01 -10.90 8.49
N LYS A 2 -9.22 -10.32 7.55
CA LYS A 2 -7.74 -10.38 7.48
C LYS A 2 -7.12 -9.47 6.36
N PRO A 3 -7.78 -9.35 5.17
CA PRO A 3 -7.34 -8.40 4.14
C PRO A 3 -7.82 -7.03 4.60
N LYS A 4 -7.76 -6.04 3.69
CA LYS A 4 -8.05 -4.66 4.01
C LYS A 4 -7.44 -3.83 2.91
N LEU A 5 -8.20 -2.97 2.28
CA LEU A 5 -7.67 -2.14 1.20
C LEU A 5 -6.64 -1.15 1.82
N LEU A 6 -5.91 -0.41 0.97
CA LEU A 6 -4.93 0.55 1.50
C LEU A 6 -5.34 2.00 1.26
N TYR A 7 -6.27 2.44 2.08
CA TYR A 7 -6.85 3.74 1.79
C TYR A 7 -5.81 4.85 1.97
N CYS A 8 -6.09 6.10 1.57
CA CYS A 8 -5.15 7.17 1.90
C CYS A 8 -5.83 8.46 2.20
N SER A 9 -5.00 9.21 2.93
CA SER A 9 -5.47 10.51 3.31
C SER A 9 -5.35 11.55 2.17
N ASN A 10 -4.85 11.14 0.99
CA ASN A 10 -4.74 12.12 -0.08
C ASN A 10 -6.00 12.02 -0.97
N GLY A 11 -7.23 12.12 -0.46
CA GLY A 11 -8.31 11.99 -1.46
C GLY A 11 -9.34 11.02 -1.01
N GLY A 12 -8.81 10.01 -0.31
CA GLY A 12 -9.71 9.01 0.22
C GLY A 12 -10.12 8.02 -0.86
N TYR A 13 -9.09 7.37 -1.43
CA TYR A 13 -9.35 6.27 -2.36
C TYR A 13 -8.58 5.05 -1.83
N PHE A 14 -9.03 3.84 -2.22
CA PHE A 14 -8.46 2.58 -1.72
C PHE A 14 -7.35 2.05 -2.58
N LEU A 15 -6.25 1.74 -1.90
CA LEU A 15 -5.24 1.08 -2.69
C LEU A 15 -5.51 -0.38 -2.78
N ARG A 16 -5.28 -0.70 -4.03
CA ARG A 16 -5.35 -2.02 -4.49
C ARG A 16 -4.52 -2.05 -5.73
N ILE A 17 -4.64 -3.18 -6.41
CA ILE A 17 -3.99 -3.37 -7.68
C ILE A 17 -5.03 -4.09 -8.57
N PHE A 18 -5.27 -3.54 -9.78
CA PHE A 18 -6.17 -4.27 -10.70
C PHE A 18 -5.37 -5.40 -11.40
N PRO A 19 -5.02 -5.30 -12.73
CA PRO A 19 -4.59 -6.53 -13.42
C PRO A 19 -3.10 -6.80 -13.21
N ASP A 20 -2.32 -5.82 -13.67
CA ASP A 20 -0.86 -5.85 -13.68
C ASP A 20 -0.30 -5.44 -12.32
N GLY A 21 -1.12 -5.67 -11.30
CA GLY A 21 -0.65 -5.22 -10.01
C GLY A 21 -0.41 -3.70 -9.89
N LYS A 22 -0.88 -2.97 -10.93
CA LYS A 22 -0.76 -1.52 -10.96
C LYS A 22 -1.62 -0.96 -9.90
N VAL A 23 -0.95 -0.31 -8.96
CA VAL A 23 -1.68 -0.03 -7.76
C VAL A 23 -2.54 1.21 -8.04
N ASP A 24 -3.60 1.41 -7.27
CA ASP A 24 -4.46 2.51 -7.64
C ASP A 24 -5.45 2.75 -6.55
N GLY A 25 -5.94 3.99 -6.51
CA GLY A 25 -6.98 4.33 -5.58
C GLY A 25 -8.36 4.12 -6.14
N THR A 26 -9.14 3.33 -5.41
CA THR A 26 -10.49 2.97 -5.78
C THR A 26 -11.37 3.21 -4.55
N ARG A 27 -12.13 4.28 -4.47
CA ARG A 27 -12.99 4.38 -3.28
C ARG A 27 -14.11 3.29 -3.22
N ASP A 28 -14.11 2.40 -4.21
CA ASP A 28 -15.08 1.34 -4.37
C ASP A 28 -14.59 0.16 -3.57
N ARG A 29 -14.78 0.24 -2.24
CA ARG A 29 -14.33 -0.92 -1.45
C ARG A 29 -14.95 -2.29 -1.85
N SER A 30 -16.11 -2.12 -2.51
CA SER A 30 -16.95 -3.21 -2.93
C SER A 30 -16.28 -4.04 -4.02
N ASP A 31 -15.40 -3.36 -4.77
CA ASP A 31 -14.71 -3.96 -5.90
C ASP A 31 -14.18 -5.36 -5.45
N PRO A 32 -14.54 -6.40 -6.23
CA PRO A 32 -14.31 -7.78 -5.82
C PRO A 32 -12.85 -8.19 -5.83
N TYR A 33 -12.00 -7.17 -6.01
CA TYR A 33 -10.60 -7.34 -6.21
C TYR A 33 -9.94 -5.99 -6.08
N ILE A 34 -10.14 -5.39 -4.89
CA ILE A 34 -9.32 -4.24 -4.57
C ILE A 34 -8.77 -4.29 -3.15
N GLN A 35 -8.73 -5.51 -2.62
CA GLN A 35 -8.17 -5.63 -1.28
C GLN A 35 -6.66 -5.44 -1.34
N LEU A 36 -6.18 -5.40 -0.09
CA LEU A 36 -4.77 -5.29 0.24
C LEU A 36 -4.63 -5.91 1.66
N GLN A 37 -3.48 -5.70 2.28
CA GLN A 37 -3.22 -6.24 3.60
C GLN A 37 -1.98 -5.56 4.04
N PHE A 38 -1.90 -5.01 5.25
CA PHE A 38 -0.71 -4.42 5.90
C PHE A 38 -0.30 -5.34 7.03
N TYR A 39 0.77 -6.08 6.76
CA TYR A 39 1.37 -6.90 7.78
C TYR A 39 2.84 -6.54 7.65
N ALA A 40 3.61 -6.81 8.70
CA ALA A 40 5.05 -6.55 8.63
C ALA A 40 5.74 -7.86 8.85
N GLU A 41 7.05 -7.90 8.53
CA GLU A 41 7.85 -9.11 8.66
C GLU A 41 8.67 -9.03 9.95
N SER A 42 9.67 -8.13 9.97
CA SER A 42 10.48 -7.93 11.17
C SER A 42 11.21 -6.62 10.89
N VAL A 43 11.41 -5.75 11.91
CA VAL A 43 12.12 -4.46 11.80
C VAL A 43 11.12 -3.29 11.89
N GLY A 44 11.05 -2.52 10.81
CA GLY A 44 10.17 -1.36 10.72
C GLY A 44 9.61 -1.30 9.31
N GLU A 45 9.93 -2.36 8.57
CA GLU A 45 9.54 -2.58 7.21
C GLU A 45 8.36 -3.55 7.24
N VAL A 46 7.57 -3.56 6.15
CA VAL A 46 6.35 -4.38 6.20
C VAL A 46 6.22 -5.14 4.92
N TYR A 47 5.23 -6.02 4.91
CA TYR A 47 4.77 -6.62 3.70
C TYR A 47 3.23 -6.53 3.53
N ILE A 48 2.82 -5.75 2.50
CA ILE A 48 1.39 -5.63 2.20
C ILE A 48 0.89 -6.86 1.36
N LYS A 49 -0.39 -6.86 0.92
CA LYS A 49 -1.02 -7.90 0.08
C LYS A 49 -1.71 -7.18 -1.01
N SER A 50 -1.83 -7.81 -2.16
CA SER A 50 -2.61 -7.32 -3.24
C SER A 50 -3.80 -8.27 -3.28
N LEU A 51 -4.99 -7.68 -3.26
CA LEU A 51 -6.17 -8.48 -3.47
C LEU A 51 -6.32 -9.52 -2.33
N GLU A 52 -7.47 -10.21 -2.35
CA GLU A 52 -7.59 -11.35 -1.46
C GLU A 52 -6.76 -12.55 -1.94
N THR A 53 -6.30 -12.44 -3.22
CA THR A 53 -5.60 -13.50 -3.93
C THR A 53 -4.22 -13.85 -3.36
N GLY A 54 -3.99 -13.23 -2.21
CA GLY A 54 -2.75 -13.34 -1.54
C GLY A 54 -1.54 -12.95 -2.35
N GLN A 55 -1.69 -11.75 -2.93
CA GLN A 55 -0.52 -11.13 -3.51
C GLN A 55 0.17 -10.33 -2.38
N TYR A 56 0.80 -9.22 -2.78
CA TYR A 56 1.71 -8.46 -1.94
C TYR A 56 1.65 -6.96 -2.37
N LEU A 57 2.68 -6.15 -2.08
CA LEU A 57 2.89 -4.86 -2.76
C LEU A 57 4.44 -4.60 -2.76
N ALA A 58 5.03 -4.10 -3.89
CA ALA A 58 6.48 -3.80 -3.97
C ALA A 58 6.68 -2.60 -4.91
N MET A 59 7.71 -1.82 -4.62
CA MET A 59 8.11 -0.85 -5.63
C MET A 59 8.77 -1.55 -6.79
N ASP A 60 8.16 -1.24 -7.96
CA ASP A 60 8.73 -1.59 -9.25
C ASP A 60 10.19 -1.16 -9.27
N SER A 61 11.06 -1.97 -9.89
CA SER A 61 12.50 -1.77 -9.76
C SER A 61 12.97 -0.55 -10.58
N ASP A 62 12.60 0.61 -10.03
CA ASP A 62 12.73 1.92 -10.63
C ASP A 62 12.16 2.92 -9.61
N GLY A 63 10.90 2.66 -9.20
CA GLY A 63 10.28 3.71 -8.40
C GLY A 63 8.76 3.72 -8.38
N GLN A 64 8.18 2.98 -9.35
CA GLN A 64 6.73 2.81 -9.37
C GLN A 64 6.31 1.93 -8.21
N LEU A 65 5.02 1.66 -8.14
CA LEU A 65 4.50 0.73 -7.14
C LEU A 65 3.68 -0.31 -7.97
N TYR A 66 4.04 -1.59 -7.80
CA TYR A 66 3.37 -2.75 -8.42
C TYR A 66 2.95 -3.70 -7.28
N ALA A 67 2.04 -4.63 -7.57
CA ALA A 67 1.58 -5.57 -6.55
C ALA A 67 2.73 -6.50 -6.27
N SER A 68 3.10 -6.75 -5.02
CA SER A 68 4.24 -7.65 -4.90
C SER A 68 3.64 -9.04 -5.16
N GLN A 69 4.48 -9.87 -5.78
CA GLN A 69 4.19 -11.28 -5.89
C GLN A 69 5.18 -12.10 -5.06
N SER A 70 6.47 -11.77 -5.25
CA SER A 70 7.55 -12.53 -4.62
C SER A 70 7.93 -11.81 -3.33
N PRO A 71 8.55 -12.59 -2.38
CA PRO A 71 9.12 -12.02 -1.16
C PRO A 71 10.36 -11.26 -1.63
N SER A 72 11.51 -11.55 -1.01
CA SER A 72 12.67 -10.72 -1.25
C SER A 72 12.40 -9.27 -0.74
N GLU A 73 13.51 -8.71 -0.25
CA GLU A 73 13.50 -7.34 0.26
C GLU A 73 12.78 -6.26 -0.59
N GLU A 74 12.94 -6.37 -1.90
CA GLU A 74 12.25 -5.46 -2.82
C GLU A 74 10.76 -5.31 -2.47
N CYS A 75 10.24 -6.50 -2.13
CA CYS A 75 8.90 -6.67 -1.66
C CYS A 75 8.81 -6.67 -0.15
N LEU A 76 9.43 -5.67 0.43
CA LEU A 76 9.09 -5.33 1.82
C LEU A 76 8.50 -3.98 1.66
N PHE A 77 8.40 -3.14 2.74
CA PHE A 77 7.75 -1.82 2.90
C PHE A 77 8.10 -1.17 4.22
N LEU A 78 7.41 -0.09 4.68
CA LEU A 78 7.76 0.56 5.96
C LEU A 78 6.55 0.42 6.86
N GLU A 79 6.77 0.78 8.12
CA GLU A 79 5.74 0.77 9.13
C GLU A 79 5.85 2.05 9.97
N ARG A 80 4.94 2.98 9.67
CA ARG A 80 4.82 4.12 10.55
C ARG A 80 3.34 4.47 10.64
N LEU A 81 2.79 4.17 11.81
CA LEU A 81 1.48 4.64 12.14
C LEU A 81 1.75 5.73 13.17
N GLU A 82 1.17 6.92 12.89
CA GLU A 82 1.04 8.04 13.80
C GLU A 82 0.70 7.62 15.27
N GLU A 83 -0.50 8.02 15.70
CA GLU A 83 -1.06 7.54 16.96
C GLU A 83 -1.64 6.13 16.75
N ASN A 84 -2.87 6.09 16.21
CA ASN A 84 -3.53 4.80 16.03
C ASN A 84 -4.68 4.93 15.06
N ASN A 85 -4.40 4.65 13.78
CA ASN A 85 -5.44 4.77 12.77
C ASN A 85 -4.96 4.33 11.35
N TYR A 86 -3.85 4.92 10.85
CA TYR A 86 -3.42 4.75 9.44
C TYR A 86 -1.90 4.87 9.35
N ASN A 87 -1.32 4.10 8.39
CA ASN A 87 0.12 3.88 8.45
C ASN A 87 0.60 4.16 7.07
N THR A 88 1.75 4.77 7.06
CA THR A 88 2.55 5.03 5.88
C THR A 88 2.46 3.87 4.83
N TYR A 89 3.43 2.93 4.78
CA TYR A 89 3.57 1.84 3.79
C TYR A 89 4.40 2.22 2.57
N LYS A 90 4.69 1.15 1.79
CA LYS A 90 5.67 1.15 0.72
C LYS A 90 7.03 1.42 1.30
N SER A 91 8.03 0.80 0.73
CA SER A 91 9.43 0.89 1.09
C SER A 91 9.97 -0.39 0.51
N LYS A 92 10.95 -0.95 1.22
CA LYS A 92 11.59 -2.18 0.87
C LYS A 92 12.41 -2.46 2.17
N VAL A 93 13.68 -2.00 2.13
CA VAL A 93 14.61 -2.20 3.25
C VAL A 93 14.95 -0.83 3.80
N HIS A 94 15.70 -0.13 2.95
CA HIS A 94 16.10 1.20 3.36
C HIS A 94 14.86 2.07 3.58
N ALA A 95 15.16 3.12 4.35
CA ALA A 95 14.11 4.08 4.63
C ALA A 95 14.02 5.00 3.45
N ASP A 96 15.19 5.64 3.20
CA ASP A 96 15.35 6.73 2.25
C ASP A 96 14.11 7.63 2.37
N LYS A 97 13.12 7.32 1.53
CA LYS A 97 11.76 7.74 1.55
C LYS A 97 11.25 8.03 0.13
N ASP A 98 12.21 8.11 -0.80
CA ASP A 98 12.03 8.56 -2.19
C ASP A 98 11.03 7.74 -2.95
N TRP A 99 10.58 6.68 -2.27
CA TRP A 99 9.69 5.73 -2.86
C TRP A 99 8.86 5.17 -1.73
N PHE A 100 8.02 6.05 -1.22
CA PHE A 100 7.09 5.64 -0.16
C PHE A 100 5.69 5.59 -0.80
N VAL A 101 4.69 5.00 -0.13
CA VAL A 101 3.51 4.56 -0.87
C VAL A 101 2.65 5.79 -0.91
N GLY A 102 1.90 5.97 -1.96
CA GLY A 102 0.79 6.81 -1.63
C GLY A 102 -0.26 6.52 -2.56
N ILE A 103 -1.45 6.94 -2.19
CA ILE A 103 -2.49 6.81 -3.12
C ILE A 103 -3.15 8.11 -3.14
N LYS A 104 -3.83 8.30 -4.25
CA LYS A 104 -4.80 9.35 -4.39
C LYS A 104 -5.18 9.28 -5.86
N LYS A 105 -5.93 10.31 -6.20
CA LYS A 105 -6.02 10.92 -7.50
C LYS A 105 -7.37 10.58 -8.02
N ASN A 106 -7.51 9.27 -8.18
CA ASN A 106 -8.75 8.63 -8.58
C ASN A 106 -8.52 7.16 -8.96
N GLY A 107 -7.28 6.69 -8.76
CA GLY A 107 -6.92 5.41 -9.34
C GLY A 107 -5.56 5.56 -9.98
N LYS A 108 -4.50 5.11 -9.27
CA LYS A 108 -3.07 5.10 -9.70
C LYS A 108 -2.06 5.41 -8.61
N THR A 109 -2.58 5.65 -7.43
CA THR A 109 -1.68 5.92 -6.34
C THR A 109 -0.86 7.21 -6.57
N LYS A 110 0.29 7.17 -5.91
CA LYS A 110 1.40 8.06 -5.98
C LYS A 110 2.62 7.22 -6.34
N PRO A 111 2.95 7.18 -7.65
CA PRO A 111 4.16 6.48 -8.10
C PRO A 111 5.28 7.40 -7.60
N GLY A 112 5.85 7.03 -6.44
CA GLY A 112 7.02 7.68 -5.84
C GLY A 112 7.04 9.23 -5.84
N SER A 113 5.84 9.84 -6.00
CA SER A 113 5.78 11.21 -6.49
C SER A 113 6.63 12.25 -5.70
N ARG A 114 6.28 12.32 -4.42
CA ARG A 114 7.02 13.18 -3.53
C ARG A 114 6.56 12.76 -2.18
N THR A 115 7.23 11.70 -1.78
CA THR A 115 7.01 11.16 -0.50
C THR A 115 7.95 11.82 0.51
N HIS A 116 7.71 11.44 1.79
CA HIS A 116 8.24 12.17 2.95
C HIS A 116 7.43 11.68 4.16
N PHE A 117 7.87 10.57 4.83
CA PHE A 117 7.40 10.13 6.17
C PHE A 117 6.40 11.18 6.85
N GLY A 118 5.10 10.80 6.99
CA GLY A 118 4.12 11.79 7.49
C GLY A 118 3.15 12.35 6.43
N GLN A 119 3.67 12.52 5.19
CA GLN A 119 2.84 12.84 4.03
C GLN A 119 1.58 11.96 3.96
N LYS A 120 0.60 12.56 3.31
CA LYS A 120 -0.62 11.79 3.12
C LYS A 120 -0.41 10.61 2.23
N ALA A 121 0.47 10.80 1.20
CA ALA A 121 0.71 9.72 0.26
C ALA A 121 0.89 8.45 1.06
N ILE A 122 1.99 8.49 1.77
CA ILE A 122 2.34 7.41 2.68
C ILE A 122 1.15 6.97 3.47
N LEU A 123 0.80 7.81 4.41
CA LEU A 123 -0.26 7.43 5.33
C LEU A 123 -1.52 6.86 4.63
N PHE A 124 -1.84 5.64 5.08
CA PHE A 124 -2.92 4.85 4.51
C PHE A 124 -3.78 4.26 5.58
N LEU A 125 -5.08 4.27 5.24
CA LEU A 125 -6.16 3.88 6.13
C LEU A 125 -6.55 2.38 5.92
N PRO A 126 -6.14 1.50 6.86
CA PRO A 126 -6.43 0.08 6.80
C PRO A 126 -7.86 -0.17 7.26
N LEU A 127 -8.52 -1.13 6.59
CA LEU A 127 -9.93 -1.31 6.84
C LEU A 127 -10.30 -2.77 6.77
N PRO A 128 -11.19 -3.21 7.66
CA PRO A 128 -11.48 -4.62 7.75
C PRO A 128 -12.32 -5.18 6.60
N VAL A 129 -12.55 -4.40 5.49
CA VAL A 129 -13.35 -4.84 4.32
C VAL A 129 -13.70 -6.31 4.42
N SER A 130 -12.71 -7.14 4.09
CA SER A 130 -12.92 -8.57 4.17
C SER A 130 -14.18 -9.03 3.44
N SER A 131 -15.25 -9.06 4.23
CA SER A 131 -16.59 -9.44 3.86
C SER A 131 -17.46 -8.61 4.83
N ASP A 132 -18.19 -9.33 5.67
CA ASP A 132 -19.05 -8.74 6.68
C ASP A 132 -18.25 -8.82 8.02
#